data_5LCX
#
_entry.id   5LCX
#
_cell.length_a   60.180
_cell.length_b   65.410
_cell.length_c   94.820
_cell.angle_alpha   90.00
_cell.angle_beta   90.00
_cell.angle_gamma   90.00
#
_symmetry.space_group_name_H-M   'P 21 21 21'
#
loop_
_entity.id
_entity.type
_entity.pdbx_description
1 polymer '(-)-isopiperitenone reductase'
2 non-polymer 'NADP NICOTINAMIDE-ADENINE-DINUCLEOTIDE PHOSPHATE'
3 non-polymer (4S)-2-METHYL-2,4-PENTANEDIOL
4 water water
#
_entity_poly.entity_id   1
_entity_poly.type   'polypeptide(L)'
_entity_poly.pdbx_seq_one_letter_code
;GAMAEVQRYALVTGANKGIGFEICRQLAEKGIIVILTSRNEKRGLEARQKLLKELNVSENRLVFHQLDVTDLASVAAVAV
FIKSKFGKLDILVNNAGVSGVEMVGDVSVFNEYIEADFKALQALEAGAKEEPPFKPKANGEMIEKFEGAKDCVVTNYYGP
KRLTQALIPLLQLSPSPRIVNVSSSFGSLLLLWNEWAKGVLGDEDRLTEERVDEVVEVFLKDIKEGKLEESQWPPHFAAE
RVSKAALNAYTKIAAKKYPSFRINAICPGYAKTDITFHAGPLSVAEAAQVPVKLALLPDGGPSGCFFPRDKALALY
;
_entity_poly.pdbx_strand_id   A
#
loop_
_chem_comp.id
_chem_comp.type
_chem_comp.name
_chem_comp.formula
MPD non-polymer (4S)-2-METHYL-2,4-PENTANEDIOL 'C6 H14 O2'
NAP non-polymer 'NADP NICOTINAMIDE-ADENINE-DINUCLEOTIDE PHOSPHATE' 'C21 H28 N7 O17 P3'
#
# COMPACT_ATOMS: atom_id res chain seq x y z
N GLN A 7 -1.02 -25.11 9.69
CA GLN A 7 -0.31 -24.39 8.60
C GLN A 7 -0.94 -23.03 8.28
N ARG A 8 -0.11 -22.00 8.05
CA ARG A 8 -0.58 -20.68 7.69
CA ARG A 8 -0.58 -20.68 7.69
C ARG A 8 -0.28 -20.41 6.23
N TYR A 9 -1.19 -19.66 5.58
CA TYR A 9 -1.11 -19.24 4.18
C TYR A 9 -1.15 -17.72 4.12
N ALA A 10 -0.25 -17.13 3.33
CA ALA A 10 -0.21 -15.68 3.11
C ALA A 10 -0.24 -15.40 1.61
N LEU A 11 -1.05 -14.42 1.22
CA LEU A 11 -1.07 -13.90 -0.13
C LEU A 11 -0.46 -12.50 -0.15
N VAL A 12 0.47 -12.27 -1.07
CA VAL A 12 1.11 -10.97 -1.21
C VAL A 12 0.83 -10.47 -2.62
N THR A 13 0.33 -9.24 -2.73
CA THR A 13 0.13 -8.61 -4.03
C THR A 13 1.36 -7.83 -4.47
N GLY A 14 1.48 -7.65 -5.77
CA GLY A 14 2.64 -7.02 -6.35
C GLY A 14 3.95 -7.60 -5.84
N ALA A 15 4.12 -8.91 -6.04
CA ALA A 15 5.21 -9.62 -5.38
C ALA A 15 6.28 -10.10 -6.33
N ASN A 16 6.24 -9.68 -7.61
CA ASN A 16 7.29 -10.10 -8.53
C ASN A 16 8.61 -9.34 -8.34
N LYS A 17 8.59 -8.20 -7.62
CA LYS A 17 9.76 -7.36 -7.42
C LYS A 17 9.52 -6.51 -6.19
N GLY A 18 10.58 -5.79 -5.80
CA GLY A 18 10.49 -4.76 -4.77
C GLY A 18 10.16 -5.32 -3.40
N ILE A 19 9.44 -4.49 -2.62
CA ILE A 19 9.12 -4.87 -1.24
C ILE A 19 8.31 -6.16 -1.22
N GLY A 20 7.38 -6.32 -2.17
CA GLY A 20 6.51 -7.48 -2.13
C GLY A 20 7.28 -8.78 -2.27
N PHE A 21 8.29 -8.78 -3.15
CA PHE A 21 9.12 -9.96 -3.30
C PHE A 21 9.82 -10.30 -1.99
N GLU A 22 10.32 -9.28 -1.30
CA GLU A 22 11.02 -9.52 -0.04
CA GLU A 22 11.02 -9.53 -0.03
C GLU A 22 10.04 -9.90 1.08
N ILE A 23 8.81 -9.40 1.04
CA ILE A 23 7.81 -9.88 2.01
C ILE A 23 7.63 -11.38 1.85
N CYS A 24 7.54 -11.85 0.60
CA CYS A 24 7.38 -13.28 0.36
C CYS A 24 8.56 -14.05 0.95
N ARG A 25 9.79 -13.54 0.72
CA ARG A 25 10.96 -14.20 1.29
C ARG A 25 10.83 -14.33 2.80
N GLN A 26 10.55 -13.23 3.48
CA GLN A 26 10.57 -13.23 4.94
C GLN A 26 9.45 -14.07 5.55
N LEU A 27 8.26 -14.06 4.93
CA LEU A 27 7.20 -14.93 5.44
C LEU A 27 7.52 -16.39 5.19
N ALA A 28 8.06 -16.71 4.02
CA ALA A 28 8.39 -18.10 3.74
C ALA A 28 9.42 -18.62 4.70
N GLU A 29 10.40 -17.78 5.07
CA GLU A 29 11.42 -18.18 6.02
C GLU A 29 10.85 -18.52 7.39
N LYS A 30 9.67 -18.00 7.70
CA LYS A 30 8.96 -18.32 8.93
C LYS A 30 8.17 -19.62 8.82
N GLY A 31 8.17 -20.29 7.65
CA GLY A 31 7.39 -21.49 7.43
C GLY A 31 5.97 -21.26 6.95
N ILE A 32 5.60 -20.02 6.68
CA ILE A 32 4.30 -19.70 6.13
C ILE A 32 4.34 -20.04 4.65
N ILE A 33 3.30 -20.70 4.16
CA ILE A 33 3.20 -20.98 2.75
C ILE A 33 2.70 -19.71 2.08
N VAL A 34 3.44 -19.25 1.08
CA VAL A 34 3.20 -17.93 0.48
C VAL A 34 2.67 -18.10 -0.93
N ILE A 35 1.61 -17.39 -1.24
CA ILE A 35 1.07 -17.25 -2.60
C ILE A 35 1.62 -15.93 -3.11
N LEU A 36 2.65 -16.07 -3.95
CA LEU A 36 3.31 -14.94 -4.61
C LEU A 36 2.43 -14.57 -5.81
N THR A 37 1.91 -13.35 -5.84
CA THR A 37 1.04 -12.97 -6.95
C THR A 37 1.62 -11.77 -7.70
N SER A 38 1.22 -11.66 -8.96
CA SER A 38 1.72 -10.59 -9.79
CA SER A 38 1.75 -10.62 -9.82
C SER A 38 0.78 -10.42 -10.98
N ARG A 39 0.75 -9.21 -11.50
CA ARG A 39 -0.21 -8.96 -12.58
C ARG A 39 0.26 -9.56 -13.90
N ASN A 40 1.57 -9.58 -14.14
CA ASN A 40 2.16 -10.23 -15.30
C ASN A 40 2.57 -11.65 -14.93
N GLU A 41 2.04 -12.61 -15.67
CA GLU A 41 2.30 -14.01 -15.39
C GLU A 41 3.77 -14.36 -15.54
N LYS A 42 4.40 -13.91 -16.62
CA LYS A 42 5.81 -14.24 -16.83
C LYS A 42 6.66 -13.68 -15.71
N ARG A 43 6.45 -12.42 -15.35
CA ARG A 43 7.28 -11.86 -14.29
C ARG A 43 7.06 -12.61 -12.98
N GLY A 44 5.83 -13.02 -12.71
CA GLY A 44 5.54 -13.68 -11.46
C GLY A 44 6.12 -15.09 -11.39
N LEU A 45 6.03 -15.83 -12.50
CA LEU A 45 6.62 -17.16 -12.53
C LEU A 45 8.14 -17.11 -12.41
N GLU A 46 8.77 -16.15 -13.05
CA GLU A 46 10.22 -15.98 -12.95
C GLU A 46 10.59 -15.58 -11.53
N ALA A 47 9.79 -14.68 -10.93
CA ALA A 47 10.04 -14.29 -9.54
C ALA A 47 9.96 -15.50 -8.62
N ARG A 48 8.94 -16.33 -8.81
CA ARG A 48 8.80 -17.52 -7.99
C ARG A 48 10.01 -18.44 -8.15
N GLN A 49 10.47 -18.63 -9.39
CA GLN A 49 11.64 -19.47 -9.63
CA GLN A 49 11.64 -19.47 -9.61
C GLN A 49 12.87 -18.91 -8.91
N LYS A 50 13.12 -17.59 -9.02
CA LYS A 50 14.28 -17.00 -8.38
C LYS A 50 14.18 -17.14 -6.86
N LEU A 51 13.01 -16.87 -6.31
CA LEU A 51 12.91 -16.86 -4.85
C LEU A 51 13.00 -18.27 -4.31
N LEU A 52 12.43 -19.24 -5.02
CA LEU A 52 12.55 -20.62 -4.55
C LEU A 52 14.02 -21.04 -4.54
N LYS A 53 14.76 -20.63 -5.55
CA LYS A 53 16.19 -20.90 -5.58
C LYS A 53 16.90 -20.27 -4.40
N GLU A 54 16.63 -18.98 -4.14
CA GLU A 54 17.31 -18.26 -3.08
C GLU A 54 16.93 -18.83 -1.71
N LEU A 55 15.64 -19.14 -1.53
CA LEU A 55 15.18 -19.72 -0.26
C LEU A 55 15.77 -21.10 -0.06
N ASN A 56 15.94 -21.85 -1.15
CA ASN A 56 16.49 -23.20 -1.12
C ASN A 56 15.55 -24.17 -0.39
N VAL A 57 14.24 -23.97 -0.57
CA VAL A 57 13.23 -24.77 0.10
C VAL A 57 12.43 -25.56 -0.93
N SER A 58 11.56 -26.44 -0.44
CA SER A 58 10.82 -27.28 -1.38
C SER A 58 9.72 -26.49 -2.08
N GLU A 59 9.31 -27.03 -3.24
CA GLU A 59 8.41 -26.39 -4.20
C GLU A 59 7.10 -25.93 -3.57
N ASN A 60 6.61 -26.66 -2.55
CA ASN A 60 5.27 -26.39 -2.04
C ASN A 60 5.22 -25.19 -1.11
N ARG A 61 6.36 -24.59 -0.80
CA ARG A 61 6.46 -23.47 0.11
C ARG A 61 6.11 -22.15 -0.54
N LEU A 62 6.10 -22.10 -1.87
CA LEU A 62 5.83 -20.87 -2.59
C LEU A 62 4.98 -21.23 -3.83
N VAL A 63 3.80 -20.62 -3.93
CA VAL A 63 2.79 -20.88 -4.96
C VAL A 63 2.59 -19.59 -5.75
N PHE A 64 2.59 -19.68 -7.07
CA PHE A 64 2.31 -18.51 -7.90
C PHE A 64 0.84 -18.47 -8.29
N HIS A 65 0.27 -17.27 -8.33
CA HIS A 65 -1.01 -17.04 -8.98
C HIS A 65 -1.05 -15.62 -9.53
N GLN A 66 -1.55 -15.50 -10.75
CA GLN A 66 -1.73 -14.19 -11.33
C GLN A 66 -2.73 -13.37 -10.51
N LEU A 67 -2.48 -12.06 -10.43
CA LEU A 67 -3.41 -11.16 -9.75
C LEU A 67 -3.08 -9.73 -10.14
N ASP A 68 -4.04 -9.10 -10.83
CA ASP A 68 -4.01 -7.67 -11.09
C ASP A 68 -5.12 -7.08 -10.22
N VAL A 69 -4.74 -6.26 -9.23
CA VAL A 69 -5.71 -5.78 -8.25
C VAL A 69 -6.68 -4.73 -8.80
N THR A 70 -6.49 -4.30 -10.05
CA THR A 70 -7.43 -3.40 -10.72
C THR A 70 -8.41 -4.13 -11.60
N ASP A 71 -8.32 -5.47 -11.71
CA ASP A 71 -9.10 -6.34 -12.59
C ASP A 71 -10.02 -7.17 -11.70
N LEU A 72 -11.33 -6.85 -11.71
CA LEU A 72 -12.24 -7.55 -10.80
C LEU A 72 -12.34 -9.05 -11.08
N ALA A 73 -12.21 -9.48 -12.33
CA ALA A 73 -12.17 -10.91 -12.60
C ALA A 73 -10.94 -11.57 -12.03
N SER A 74 -9.83 -10.87 -12.09
CA SER A 74 -8.57 -11.40 -11.55
C SER A 74 -8.69 -11.57 -10.04
N VAL A 75 -9.26 -10.57 -9.39
CA VAL A 75 -9.49 -10.63 -7.94
C VAL A 75 -10.41 -11.80 -7.61
N ALA A 76 -11.52 -11.92 -8.31
CA ALA A 76 -12.43 -13.03 -8.03
C ALA A 76 -11.74 -14.37 -8.23
N ALA A 77 -10.90 -14.49 -9.25
CA ALA A 77 -10.31 -15.78 -9.58
C ALA A 77 -9.33 -16.22 -8.50
N VAL A 78 -8.59 -15.27 -7.92
CA VAL A 78 -7.64 -15.74 -6.91
C VAL A 78 -8.39 -16.20 -5.65
N ALA A 79 -9.52 -15.59 -5.30
CA ALA A 79 -10.33 -16.11 -4.18
C ALA A 79 -10.83 -17.53 -4.44
N VAL A 80 -11.29 -17.82 -5.66
CA VAL A 80 -11.69 -19.18 -6.01
C VAL A 80 -10.53 -20.15 -5.87
N PHE A 81 -9.33 -19.75 -6.32
CA PHE A 81 -8.17 -20.62 -6.27
C PHE A 81 -7.81 -20.95 -4.82
N ILE A 82 -7.75 -19.92 -3.96
CA ILE A 82 -7.37 -20.17 -2.57
C ILE A 82 -8.38 -21.11 -1.92
N LYS A 83 -9.66 -20.90 -2.19
CA LYS A 83 -10.69 -21.73 -1.58
C LYS A 83 -10.47 -23.18 -1.98
N SER A 84 -10.23 -23.41 -3.27
CA SER A 84 -10.09 -24.78 -3.77
CA SER A 84 -10.09 -24.78 -3.77
C SER A 84 -8.79 -25.43 -3.31
N LYS A 85 -7.69 -24.67 -3.24
CA LYS A 85 -6.41 -25.29 -2.94
C LYS A 85 -6.12 -25.39 -1.43
N PHE A 86 -6.50 -24.39 -0.64
CA PHE A 86 -6.11 -24.29 0.76
C PHE A 86 -7.28 -24.21 1.74
N GLY A 87 -8.43 -23.71 1.34
CA GLY A 87 -9.61 -23.68 2.17
C GLY A 87 -9.73 -22.50 3.11
N LYS A 88 -8.69 -21.69 3.22
CA LYS A 88 -8.66 -20.55 4.13
C LYS A 88 -7.51 -19.67 3.66
N LEU A 89 -7.44 -18.47 4.26
CA LEU A 89 -6.26 -17.63 4.16
C LEU A 89 -6.02 -17.03 5.52
N ASP A 90 -4.75 -16.96 5.93
CA ASP A 90 -4.40 -16.39 7.21
C ASP A 90 -3.94 -14.95 7.14
N ILE A 91 -3.20 -14.60 6.09
CA ILE A 91 -2.54 -13.31 5.95
C ILE A 91 -2.75 -12.79 4.54
N LEU A 92 -3.23 -11.56 4.44
CA LEU A 92 -3.29 -10.82 3.19
C LEU A 92 -2.38 -9.58 3.32
N VAL A 93 -1.41 -9.43 2.40
CA VAL A 93 -0.58 -8.24 2.36
C VAL A 93 -0.89 -7.51 1.07
N ASN A 94 -1.54 -6.34 1.21
CA ASN A 94 -1.86 -5.46 0.07
C ASN A 94 -0.66 -4.55 -0.15
N ASN A 95 0.25 -5.03 -0.97
CA ASN A 95 1.50 -4.36 -1.25
C ASN A 95 1.52 -3.63 -2.60
N ALA A 96 0.89 -4.16 -3.66
CA ALA A 96 0.90 -3.50 -4.96
C ALA A 96 0.61 -2.00 -4.87
N GLY A 97 1.37 -1.22 -5.61
CA GLY A 97 1.12 0.21 -5.64
C GLY A 97 1.86 0.86 -6.78
N VAL A 98 1.33 2.04 -7.18
CA VAL A 98 1.94 2.92 -8.18
C VAL A 98 1.91 4.35 -7.63
N SER A 99 2.74 5.23 -8.22
CA SER A 99 2.89 6.60 -7.67
C SER A 99 1.98 7.64 -8.30
N GLY A 100 1.43 7.35 -9.49
CA GLY A 100 0.68 8.32 -10.27
C GLY A 100 1.51 9.36 -10.99
N VAL A 101 2.84 9.26 -10.93
CA VAL A 101 3.75 10.28 -11.44
C VAL A 101 4.48 9.74 -12.67
N GLU A 102 4.59 10.55 -13.73
CA GLU A 102 5.43 10.30 -14.89
C GLU A 102 6.59 11.31 -14.85
N MET A 103 7.82 10.83 -14.94
CA MET A 103 8.96 11.73 -14.91
C MET A 103 9.29 12.21 -16.31
N VAL A 104 9.66 13.48 -16.40
CA VAL A 104 10.29 14.04 -17.60
C VAL A 104 11.66 14.56 -17.19
N GLY A 105 12.65 14.35 -18.05
CA GLY A 105 13.98 14.78 -17.70
C GLY A 105 14.63 13.94 -16.63
N ASP A 106 15.41 14.61 -15.80
CA ASP A 106 16.22 13.98 -14.78
C ASP A 106 15.36 13.27 -13.73
N VAL A 107 15.40 11.94 -13.69
CA VAL A 107 14.49 11.20 -12.82
C VAL A 107 14.79 11.36 -11.35
N SER A 108 15.98 11.82 -10.98
CA SER A 108 16.27 12.03 -9.55
C SER A 108 15.45 13.17 -8.96
N VAL A 109 14.77 13.94 -9.80
CA VAL A 109 13.79 14.90 -9.29
C VAL A 109 12.72 14.20 -8.46
N PHE A 110 12.36 12.95 -8.79
CA PHE A 110 11.41 12.19 -7.97
C PHE A 110 11.93 12.10 -6.52
N ASN A 111 13.22 11.79 -6.37
CA ASN A 111 13.80 11.70 -5.04
CA ASN A 111 13.84 11.72 -5.03
C ASN A 111 13.87 13.07 -4.37
N GLU A 112 14.07 14.15 -5.13
CA GLU A 112 14.06 15.47 -4.52
C GLU A 112 12.72 15.77 -3.87
N TYR A 113 11.62 15.44 -4.56
CA TYR A 113 10.29 15.69 -3.98
C TYR A 113 10.05 14.78 -2.78
N ILE A 114 10.50 13.52 -2.83
CA ILE A 114 10.36 12.66 -1.65
C ILE A 114 11.04 13.29 -0.44
N GLU A 115 12.30 13.73 -0.61
CA GLU A 115 13.05 14.30 0.50
C GLU A 115 12.36 15.55 1.01
N ALA A 116 11.84 16.38 0.10
CA ALA A 116 11.18 17.62 0.51
C ALA A 116 9.94 17.30 1.34
N ASP A 117 9.18 16.28 0.90
CA ASP A 117 7.92 15.96 1.55
C ASP A 117 8.14 15.28 2.91
N PHE A 118 9.20 14.49 3.09
CA PHE A 118 9.49 13.99 4.43
C PHE A 118 9.85 15.13 5.37
N LYS A 119 10.61 16.09 4.87
N LYS A 119 10.64 16.09 4.88
CA LYS A 119 10.97 17.24 5.69
CA LYS A 119 10.97 17.26 5.69
C LYS A 119 9.73 18.05 6.04
C LYS A 119 9.72 18.04 6.05
N ALA A 120 8.84 18.24 5.08
CA ALA A 120 7.60 18.97 5.33
C ALA A 120 6.76 18.24 6.36
N LEU A 121 6.64 16.91 6.22
CA LEU A 121 5.84 16.15 7.17
C LEU A 121 6.40 16.26 8.59
N GLN A 122 7.72 16.22 8.72
CA GLN A 122 8.32 16.39 10.03
CA GLN A 122 8.33 16.39 10.03
C GLN A 122 7.94 17.74 10.63
N ALA A 123 7.96 18.78 9.80
CA ALA A 123 7.64 20.11 10.33
C ALA A 123 6.17 20.19 10.71
N LEU A 124 5.29 19.64 9.88
CA LEU A 124 3.87 19.62 10.20
C LEU A 124 3.59 18.79 11.44
N GLU A 125 4.25 17.64 11.60
CA GLU A 125 4.08 16.84 12.81
C GLU A 125 4.59 17.56 14.04
N ALA A 126 5.49 18.52 13.88
CA ALA A 126 5.99 19.31 15.00
C ALA A 126 5.17 20.56 15.26
N GLY A 127 4.10 20.75 14.52
CA GLY A 127 3.15 21.81 14.77
C GLY A 127 3.14 22.91 13.75
N ALA A 128 4.03 22.88 12.76
CA ALA A 128 3.98 23.89 11.73
C ALA A 128 2.64 23.86 11.01
N LYS A 129 2.16 25.05 10.64
CA LYS A 129 0.83 25.13 10.09
C LYS A 129 0.80 24.94 8.59
N GLU A 130 1.92 25.19 7.90
CA GLU A 130 1.95 25.24 6.45
C GLU A 130 2.98 24.28 5.89
N GLU A 131 2.67 23.70 4.73
CA GLU A 131 3.67 22.96 3.96
C GLU A 131 4.51 23.93 3.15
N PRO A 132 5.85 23.89 3.25
CA PRO A 132 6.69 24.77 2.46
C PRO A 132 6.52 24.51 0.98
N PRO A 133 6.48 25.55 0.15
CA PRO A 133 6.53 25.35 -1.31
C PRO A 133 7.82 24.66 -1.70
N PHE A 134 7.78 23.93 -2.82
CA PHE A 134 8.99 23.25 -3.28
C PHE A 134 9.05 23.22 -4.79
N LYS A 135 10.24 23.52 -5.33
CA LYS A 135 10.61 23.28 -6.71
C LYS A 135 11.96 22.59 -6.74
N PRO A 136 12.13 21.63 -7.64
CA PRO A 136 13.36 20.83 -7.68
C PRO A 136 14.55 21.57 -8.27
N LYS A 137 15.71 21.07 -7.93
CA LYS A 137 16.97 21.61 -8.44
C LYS A 137 17.32 21.07 -9.83
N ALA A 138 17.36 19.75 -9.96
CA ALA A 138 17.80 19.10 -11.19
C ALA A 138 16.82 19.33 -12.32
N ASN A 139 17.27 19.02 -13.53
CA ASN A 139 16.52 19.34 -14.73
C ASN A 139 15.54 18.22 -15.07
N GLY A 140 14.48 18.10 -14.24
CA GLY A 140 13.41 17.13 -14.42
C GLY A 140 12.18 17.63 -13.73
N GLU A 141 11.06 16.98 -14.03
CA GLU A 141 9.81 17.37 -13.40
C GLU A 141 8.91 16.17 -13.25
N MET A 142 8.06 16.22 -12.21
CA MET A 142 7.05 15.21 -11.99
C MET A 142 5.78 15.65 -12.68
N ILE A 143 5.32 14.83 -13.63
CA ILE A 143 4.11 15.11 -14.37
C ILE A 143 2.97 14.31 -13.76
N GLU A 144 1.89 14.98 -13.44
CA GLU A 144 0.75 14.34 -12.77
C GLU A 144 -0.51 14.57 -13.60
N LYS A 145 -0.91 13.56 -14.33
CA LYS A 145 -2.05 13.66 -15.20
C LYS A 145 -3.20 12.81 -14.67
N PHE A 146 -4.37 13.05 -15.25
CA PHE A 146 -5.57 12.34 -14.84
C PHE A 146 -5.40 10.82 -14.96
N GLU A 147 -4.87 10.33 -16.10
CA GLU A 147 -4.82 8.88 -16.29
C GLU A 147 -3.93 8.23 -15.22
N GLY A 148 -2.79 8.83 -14.93
CA GLY A 148 -1.94 8.32 -13.87
C GLY A 148 -2.61 8.38 -12.52
N ALA A 149 -3.33 9.46 -12.25
CA ALA A 149 -4.00 9.60 -10.96
C ALA A 149 -5.07 8.53 -10.80
N LYS A 150 -5.88 8.31 -11.85
CA LYS A 150 -6.89 7.26 -11.79
C LYS A 150 -6.26 5.90 -11.55
N ASP A 151 -5.19 5.58 -12.28
CA ASP A 151 -4.50 4.31 -12.06
CA ASP A 151 -4.50 4.31 -12.06
C ASP A 151 -4.00 4.22 -10.63
N CYS A 152 -3.49 5.33 -10.10
CA CYS A 152 -2.98 5.33 -8.73
C CYS A 152 -4.11 5.06 -7.74
N VAL A 153 -5.25 5.76 -7.89
CA VAL A 153 -6.37 5.55 -6.96
C VAL A 153 -6.93 4.13 -7.10
N VAL A 154 -7.09 3.65 -8.33
CA VAL A 154 -7.69 2.33 -8.52
C VAL A 154 -6.75 1.23 -8.00
N THR A 155 -5.43 1.42 -8.14
CA THR A 155 -4.49 0.41 -7.64
C THR A 155 -4.31 0.47 -6.13
N ASN A 156 -4.12 1.68 -5.61
CA ASN A 156 -3.67 1.89 -4.24
C ASN A 156 -4.79 1.87 -3.23
N TYR A 157 -6.01 2.27 -3.64
CA TYR A 157 -7.15 2.33 -2.74
C TYR A 157 -8.20 1.30 -3.12
N TYR A 158 -8.73 1.34 -4.35
CA TYR A 158 -9.74 0.34 -4.71
C TYR A 158 -9.17 -1.07 -4.71
N GLY A 159 -7.88 -1.25 -5.02
CA GLY A 159 -7.28 -2.57 -5.07
C GLY A 159 -7.34 -3.24 -3.71
N PRO A 160 -6.76 -2.62 -2.68
CA PRO A 160 -6.82 -3.24 -1.35
C PRO A 160 -8.24 -3.41 -0.83
N LYS A 161 -9.11 -2.45 -1.13
CA LYS A 161 -10.49 -2.56 -0.66
C LYS A 161 -11.15 -3.78 -1.29
N ARG A 162 -11.05 -3.91 -2.61
CA ARG A 162 -11.74 -4.96 -3.32
C ARG A 162 -11.15 -6.31 -2.99
N LEU A 163 -9.84 -6.38 -2.82
CA LEU A 163 -9.25 -7.67 -2.51
C LEU A 163 -9.53 -8.08 -1.08
N THR A 164 -9.56 -7.11 -0.15
CA THR A 164 -10.02 -7.37 1.22
C THR A 164 -11.42 -7.95 1.20
N GLN A 165 -12.32 -7.28 0.49
CA GLN A 165 -13.73 -7.72 0.47
C GLN A 165 -13.87 -9.11 -0.11
N ALA A 166 -13.12 -9.41 -1.18
CA ALA A 166 -13.20 -10.71 -1.82
C ALA A 166 -12.69 -11.84 -0.93
N LEU A 167 -11.74 -11.54 -0.04
CA LEU A 167 -11.08 -12.59 0.74
C LEU A 167 -11.58 -12.70 2.17
N ILE A 168 -12.57 -11.88 2.56
CA ILE A 168 -13.12 -11.95 3.91
C ILE A 168 -13.57 -13.37 4.25
N PRO A 169 -14.32 -14.06 3.39
CA PRO A 169 -14.82 -15.39 3.78
C PRO A 169 -13.73 -16.39 4.06
N LEU A 170 -12.61 -16.29 3.34
CA LEU A 170 -11.46 -17.17 3.58
C LEU A 170 -10.64 -16.74 4.80
N LEU A 171 -10.46 -15.43 4.99
CA LEU A 171 -9.76 -14.95 6.16
C LEU A 171 -10.54 -15.26 7.44
N GLN A 172 -11.87 -15.32 7.36
CA GLN A 172 -12.70 -15.65 8.52
C GLN A 172 -12.46 -17.07 9.01
N LEU A 173 -11.90 -17.91 8.18
CA LEU A 173 -11.60 -19.28 8.55
C LEU A 173 -10.23 -19.44 9.20
N SER A 174 -9.48 -18.37 9.34
CA SER A 174 -8.19 -18.37 10.02
C SER A 174 -8.40 -18.19 11.51
N PRO A 175 -7.57 -18.82 12.31
CA PRO A 175 -7.61 -18.54 13.75
C PRO A 175 -7.09 -17.16 14.11
N SER A 176 -6.27 -16.54 13.24
CA SER A 176 -5.66 -15.24 13.51
C SER A 176 -5.62 -14.45 12.20
N PRO A 177 -6.77 -13.99 11.71
CA PRO A 177 -6.80 -13.30 10.40
C PRO A 177 -6.01 -12.00 10.46
N ARG A 178 -5.17 -11.77 9.45
CA ARG A 178 -4.29 -10.61 9.39
C ARG A 178 -4.38 -9.96 8.00
N ILE A 179 -4.60 -8.64 7.98
CA ILE A 179 -4.45 -7.87 6.76
C ILE A 179 -3.45 -6.78 7.03
N VAL A 180 -2.49 -6.62 6.12
CA VAL A 180 -1.51 -5.54 6.20
C VAL A 180 -1.60 -4.75 4.90
N ASN A 181 -1.87 -3.47 5.03
CA ASN A 181 -1.95 -2.57 3.89
C ASN A 181 -0.68 -1.74 3.84
N VAL A 182 0.05 -1.88 2.73
CA VAL A 182 1.30 -1.14 2.56
C VAL A 182 0.94 0.24 2.06
N SER A 183 0.90 1.18 2.99
CA SER A 183 0.51 2.55 2.72
C SER A 183 1.77 3.36 2.49
N SER A 184 1.77 4.65 2.80
CA SER A 184 3.00 5.41 2.90
C SER A 184 2.80 6.54 3.89
N SER A 185 3.92 7.10 4.35
CA SER A 185 3.84 8.27 5.24
C SER A 185 3.12 9.44 4.57
N PHE A 186 3.11 9.47 3.26
CA PHE A 186 2.48 10.59 2.54
C PHE A 186 0.96 10.51 2.54
N GLY A 187 0.36 9.45 3.10
CA GLY A 187 -1.06 9.43 3.38
C GLY A 187 -1.49 10.26 4.58
N SER A 188 -0.55 10.88 5.28
CA SER A 188 -0.90 11.72 6.42
C SER A 188 -1.93 12.77 6.05
N LEU A 189 -2.94 12.92 6.90
CA LEU A 189 -3.90 14.00 6.64
C LEU A 189 -3.25 15.38 6.72
N LEU A 190 -2.11 15.49 7.37
CA LEU A 190 -1.39 16.76 7.41
C LEU A 190 -0.93 17.20 6.04
N LEU A 191 -0.79 16.26 5.11
CA LEU A 191 -0.34 16.55 3.76
C LEU A 191 -1.46 16.65 2.75
N LEU A 192 -2.71 16.46 3.16
CA LEU A 192 -3.77 16.26 2.19
C LEU A 192 -4.35 17.55 1.63
N TRP A 193 -4.13 18.68 2.32
CA TRP A 193 -4.49 20.05 1.92
C TRP A 193 -5.99 20.33 1.90
N ASN A 194 -6.79 19.39 1.39
CA ASN A 194 -8.23 19.62 1.16
C ASN A 194 -8.99 19.52 2.49
N GLU A 195 -9.55 20.65 2.97
CA GLU A 195 -10.13 20.66 4.30
CA GLU A 195 -10.14 20.67 4.30
C GLU A 195 -11.36 19.78 4.39
N TRP A 196 -12.20 19.76 3.35
CA TRP A 196 -13.35 18.86 3.32
C TRP A 196 -12.91 17.41 3.43
N ALA A 197 -11.93 17.01 2.61
CA ALA A 197 -11.49 15.61 2.64
C ALA A 197 -10.84 15.25 3.96
N LYS A 198 -10.03 16.15 4.53
CA LYS A 198 -9.40 15.88 5.83
C LYS A 198 -10.45 15.67 6.90
N GLY A 199 -11.52 16.47 6.88
CA GLY A 199 -12.56 16.28 7.87
C GLY A 199 -13.29 14.96 7.71
N VAL A 200 -13.63 14.60 6.46
CA VAL A 200 -14.30 13.33 6.19
C VAL A 200 -13.44 12.15 6.58
N LEU A 201 -12.20 12.10 6.10
CA LEU A 201 -11.38 10.94 6.39
C LEU A 201 -10.99 10.86 7.86
N GLY A 202 -11.01 12.00 8.56
CA GLY A 202 -10.68 12.03 9.97
C GLY A 202 -11.84 11.78 10.92
N ASP A 203 -13.08 11.86 10.45
CA ASP A 203 -14.27 11.79 11.32
C ASP A 203 -14.62 10.30 11.48
N GLU A 204 -13.94 9.64 12.42
CA GLU A 204 -13.99 8.18 12.49
C GLU A 204 -15.38 7.67 12.82
N ASP A 205 -16.17 8.43 13.56
CA ASP A 205 -17.46 7.88 13.92
C ASP A 205 -18.42 7.85 12.75
N ARG A 206 -18.20 8.68 11.72
CA ARG A 206 -19.02 8.70 10.53
C ARG A 206 -18.36 8.06 9.31
N LEU A 207 -17.17 7.50 9.48
CA LEU A 207 -16.44 6.91 8.36
C LEU A 207 -17.13 5.68 7.83
N THR A 208 -17.38 5.68 6.53
CA THR A 208 -17.83 4.53 5.80
C THR A 208 -17.12 4.46 4.45
N GLU A 209 -17.23 3.30 3.84
CA GLU A 209 -16.66 3.10 2.52
C GLU A 209 -17.24 4.10 1.55
N GLU A 210 -18.54 4.44 1.71
CA GLU A 210 -19.15 5.40 0.79
C GLU A 210 -18.51 6.78 0.90
N ARG A 211 -18.16 7.19 2.11
CA ARG A 211 -17.53 8.48 2.33
CA ARG A 211 -17.54 8.49 2.32
C ARG A 211 -16.16 8.52 1.67
N VAL A 212 -15.38 7.46 1.83
CA VAL A 212 -14.02 7.44 1.26
C VAL A 212 -14.07 7.37 -0.26
N ASP A 213 -14.95 6.53 -0.81
CA ASP A 213 -15.11 6.51 -2.25
C ASP A 213 -15.44 7.91 -2.75
N GLU A 214 -16.31 8.63 -2.03
CA GLU A 214 -16.70 9.96 -2.49
C GLU A 214 -15.52 10.91 -2.50
N VAL A 215 -14.66 10.85 -1.48
CA VAL A 215 -13.46 11.70 -1.46
C VAL A 215 -12.59 11.45 -2.67
N VAL A 216 -12.27 10.18 -2.95
CA VAL A 216 -11.33 9.95 -4.03
C VAL A 216 -11.97 10.29 -5.36
N GLU A 217 -13.30 10.15 -5.47
CA GLU A 217 -13.90 10.44 -6.78
C GLU A 217 -13.97 11.94 -7.03
N VAL A 218 -14.16 12.75 -5.98
CA VAL A 218 -14.08 14.19 -6.14
C VAL A 218 -12.69 14.62 -6.58
N PHE A 219 -11.65 14.02 -5.98
CA PHE A 219 -10.30 14.29 -6.42
C PHE A 219 -10.11 13.97 -7.91
N LEU A 220 -10.53 12.77 -8.33
CA LEU A 220 -10.29 12.38 -9.70
C LEU A 220 -11.03 13.32 -10.66
N LYS A 221 -12.25 13.69 -10.33
CA LYS A 221 -12.98 14.66 -11.16
C LYS A 221 -12.25 15.99 -11.24
N ASP A 222 -11.73 16.47 -10.11
CA ASP A 222 -10.95 17.72 -10.12
C ASP A 222 -9.72 17.64 -11.02
N ILE A 223 -8.94 16.55 -10.92
CA ILE A 223 -7.77 16.49 -11.78
C ILE A 223 -8.19 16.29 -13.24
N LYS A 224 -9.32 15.62 -13.48
CA LYS A 224 -9.75 15.40 -14.85
C LYS A 224 -10.18 16.70 -15.48
N GLU A 225 -10.98 17.47 -14.75
CA GLU A 225 -11.87 18.46 -15.33
C GLU A 225 -11.29 19.86 -15.29
N GLY A 226 -10.21 20.05 -14.59
CA GLY A 226 -9.69 21.38 -14.36
C GLY A 226 -8.26 21.21 -13.95
N LYS A 227 -7.76 22.19 -13.20
CA LYS A 227 -6.35 22.29 -12.87
C LYS A 227 -6.21 22.18 -11.36
N LEU A 228 -5.37 21.24 -10.90
CA LEU A 228 -5.28 21.10 -9.44
C LEU A 228 -4.66 22.34 -8.79
N GLU A 229 -3.81 23.09 -9.51
CA GLU A 229 -3.19 24.25 -8.86
C GLU A 229 -4.24 25.24 -8.37
N GLU A 230 -5.42 25.23 -9.00
CA GLU A 230 -6.57 26.06 -8.58
C GLU A 230 -7.44 25.40 -7.52
N SER A 231 -7.15 24.16 -7.18
CA SER A 231 -7.96 23.38 -6.24
C SER A 231 -7.31 23.46 -4.86
N GLN A 232 -7.99 22.87 -3.86
CA GLN A 232 -7.42 22.70 -2.55
CA GLN A 232 -7.38 22.72 -2.55
C GLN A 232 -6.82 21.32 -2.36
N TRP A 233 -6.42 20.66 -3.43
CA TRP A 233 -5.71 19.39 -3.31
C TRP A 233 -4.20 19.62 -3.23
N PRO A 234 -3.41 18.58 -2.95
CA PRO A 234 -1.96 18.81 -2.76
C PRO A 234 -1.26 19.34 -4.02
N PRO A 235 -0.14 20.02 -3.82
CA PRO A 235 0.56 20.66 -4.95
C PRO A 235 1.34 19.67 -5.80
N HIS A 236 1.67 18.52 -5.23
CA HIS A 236 2.36 17.45 -5.94
C HIS A 236 2.18 16.18 -5.13
N PHE A 237 2.58 15.07 -5.75
CA PHE A 237 2.24 13.72 -5.26
C PHE A 237 0.76 13.65 -4.89
N ALA A 238 -0.08 14.26 -5.71
CA ALA A 238 -1.46 14.43 -5.26
C ALA A 238 -2.20 13.11 -5.15
N ALA A 239 -2.11 12.28 -6.20
CA ALA A 239 -2.81 10.99 -6.19
C ALA A 239 -2.19 10.03 -5.18
N GLU A 240 -0.87 10.08 -4.99
CA GLU A 240 -0.24 9.28 -3.93
C GLU A 240 -0.82 9.65 -2.58
N ARG A 241 -0.86 10.95 -2.28
CA ARG A 241 -1.38 11.40 -1.00
C ARG A 241 -2.82 11.00 -0.80
N VAL A 242 -3.67 11.26 -1.80
CA VAL A 242 -5.09 10.98 -1.67
C VAL A 242 -5.34 9.48 -1.51
N SER A 243 -4.69 8.68 -2.39
CA SER A 243 -4.94 7.24 -2.39
C SER A 243 -4.46 6.61 -1.09
N LYS A 244 -3.30 7.03 -0.59
CA LYS A 244 -2.80 6.44 0.65
C LYS A 244 -3.58 6.93 1.87
N ALA A 245 -4.05 8.19 1.86
CA ALA A 245 -4.96 8.62 2.92
C ALA A 245 -6.25 7.78 2.89
N ALA A 246 -6.76 7.53 1.68
CA ALA A 246 -7.97 6.73 1.55
C ALA A 246 -7.75 5.31 2.02
N LEU A 247 -6.59 4.75 1.71
CA LEU A 247 -6.23 3.42 2.18
C LEU A 247 -6.20 3.37 3.71
N ASN A 248 -5.59 4.37 4.33
CA ASN A 248 -5.55 4.42 5.81
C ASN A 248 -6.95 4.48 6.38
N ALA A 249 -7.83 5.26 5.74
CA ALA A 249 -9.20 5.35 6.23
C ALA A 249 -9.92 4.03 6.10
N TYR A 250 -9.80 3.39 4.93
CA TYR A 250 -10.40 2.07 4.76
C TYR A 250 -9.83 1.05 5.76
N THR A 251 -8.55 1.17 6.11
CA THR A 251 -7.99 0.29 7.12
C THR A 251 -8.79 0.38 8.40
N LYS A 252 -9.11 1.61 8.81
CA LYS A 252 -9.90 1.84 10.01
C LYS A 252 -11.31 1.27 9.85
N ILE A 253 -11.93 1.51 8.68
CA ILE A 253 -13.28 1.01 8.43
C ILE A 253 -13.32 -0.50 8.53
N ALA A 254 -12.37 -1.16 7.88
CA ALA A 254 -12.36 -2.60 7.87
C ALA A 254 -12.08 -3.15 9.26
N ALA A 255 -11.15 -2.52 9.99
CA ALA A 255 -10.83 -3.02 11.32
C ALA A 255 -12.06 -2.97 12.23
N LYS A 256 -12.87 -1.94 12.09
CA LYS A 256 -14.08 -1.84 12.92
C LYS A 256 -15.12 -2.88 12.51
N LYS A 257 -15.24 -3.13 11.20
CA LYS A 257 -16.21 -4.08 10.68
CA LYS A 257 -16.21 -4.08 10.68
C LYS A 257 -15.85 -5.52 11.00
N TYR A 258 -14.55 -5.84 11.12
CA TYR A 258 -14.04 -7.20 11.33
C TYR A 258 -13.18 -7.26 12.56
N PRO A 259 -13.78 -7.14 13.75
CA PRO A 259 -12.97 -7.01 14.98
C PRO A 259 -12.15 -8.23 15.34
N SER A 260 -12.48 -9.40 14.82
CA SER A 260 -11.68 -10.56 15.09
C SER A 260 -10.42 -10.57 14.26
N PHE A 261 -10.37 -9.74 13.23
CA PHE A 261 -9.17 -9.63 12.44
C PHE A 261 -8.23 -8.61 13.10
N ARG A 262 -6.94 -8.62 12.73
CA ARG A 262 -6.08 -7.46 12.94
C ARG A 262 -5.73 -6.90 11.57
N ILE A 263 -6.13 -5.66 11.32
CA ILE A 263 -6.03 -5.00 10.00
C ILE A 263 -5.31 -3.70 10.20
N ASN A 264 -4.11 -3.56 9.63
CA ASN A 264 -3.32 -2.36 9.88
C ASN A 264 -2.65 -1.88 8.59
N ALA A 265 -2.35 -0.59 8.57
CA ALA A 265 -1.61 0.05 7.49
C ALA A 265 -0.24 0.44 7.99
N ILE A 266 0.75 0.39 7.11
CA ILE A 266 2.13 0.67 7.50
C ILE A 266 2.77 1.57 6.45
N CYS A 267 3.87 2.19 6.86
CA CYS A 267 4.84 2.74 5.91
C CYS A 267 6.16 2.02 6.13
N PRO A 268 6.75 1.46 5.06
CA PRO A 268 7.99 0.69 5.20
C PRO A 268 9.23 1.54 5.38
N GLY A 269 9.11 2.85 5.18
CA GLY A 269 10.25 3.73 5.10
C GLY A 269 10.64 3.93 3.65
N TYR A 270 11.57 4.86 3.45
CA TYR A 270 12.05 5.22 2.12
C TYR A 270 13.12 4.22 1.69
N ALA A 271 12.82 3.43 0.68
CA ALA A 271 13.60 2.26 0.33
C ALA A 271 13.89 2.18 -1.15
N LYS A 272 14.98 1.49 -1.49
CA LYS A 272 15.47 1.36 -2.86
C LYS A 272 14.67 0.32 -3.62
N THR A 273 13.75 0.78 -4.48
CA THR A 273 12.97 -0.08 -5.36
C THR A 273 12.77 0.64 -6.70
N ASP A 274 12.17 -0.06 -7.66
CA ASP A 274 11.90 0.56 -8.96
C ASP A 274 11.09 1.83 -8.81
N ILE A 275 10.15 1.86 -7.86
CA ILE A 275 9.28 3.04 -7.75
C ILE A 275 10.05 4.28 -7.33
N THR A 276 11.18 4.11 -6.63
CA THR A 276 12.02 5.22 -6.17
C THR A 276 13.29 5.34 -7.01
N PHE A 277 13.35 4.67 -8.15
CA PHE A 277 14.60 4.64 -8.95
C PHE A 277 15.79 4.17 -8.11
N HIS A 278 15.52 3.25 -7.18
CA HIS A 278 16.48 2.59 -6.32
C HIS A 278 17.32 3.55 -5.50
N ALA A 279 16.65 4.62 -5.06
CA ALA A 279 17.19 5.60 -4.14
C ALA A 279 16.48 5.45 -2.80
N GLY A 280 17.09 6.03 -1.80
CA GLY A 280 16.52 5.95 -0.46
C GLY A 280 17.44 5.21 0.47
N PRO A 281 17.28 5.45 1.77
CA PRO A 281 18.29 4.94 2.73
C PRO A 281 18.17 3.45 3.00
N LEU A 282 16.99 2.87 2.86
CA LEU A 282 16.75 1.48 3.25
C LEU A 282 16.88 0.51 2.09
N SER A 283 17.38 -0.69 2.39
CA SER A 283 17.33 -1.76 1.40
C SER A 283 15.91 -2.31 1.30
N VAL A 284 15.67 -3.08 0.24
CA VAL A 284 14.32 -3.66 0.09
C VAL A 284 14.03 -4.71 1.17
N ALA A 285 15.04 -5.48 1.58
CA ALA A 285 14.90 -6.35 2.75
C ALA A 285 14.53 -5.56 4.03
N GLU A 286 15.20 -4.45 4.28
CA GLU A 286 14.87 -3.66 5.46
C GLU A 286 13.43 -3.17 5.40
N ALA A 287 13.01 -2.67 4.24
CA ALA A 287 11.64 -2.19 4.07
C ALA A 287 10.62 -3.25 4.43
N ALA A 288 10.81 -4.48 3.94
CA ALA A 288 9.81 -5.53 4.10
C ALA A 288 9.63 -5.92 5.57
N GLN A 289 10.61 -5.59 6.41
CA GLN A 289 10.50 -5.92 7.83
C GLN A 289 9.23 -5.35 8.41
N VAL A 290 8.79 -4.18 7.95
CA VAL A 290 7.66 -3.49 8.55
C VAL A 290 6.35 -4.21 8.26
N PRO A 291 5.97 -4.44 6.99
CA PRO A 291 4.72 -5.21 6.78
C PRO A 291 4.79 -6.62 7.34
N VAL A 292 5.96 -7.27 7.33
CA VAL A 292 6.08 -8.60 7.94
C VAL A 292 5.77 -8.50 9.43
N LYS A 293 6.28 -7.48 10.10
CA LYS A 293 6.01 -7.29 11.54
C LYS A 293 4.51 -7.26 11.82
N LEU A 294 3.73 -6.51 11.03
CA LEU A 294 2.29 -6.43 11.25
C LEU A 294 1.54 -7.67 10.77
N ALA A 295 2.11 -8.43 9.84
CA ALA A 295 1.50 -9.68 9.43
C ALA A 295 1.60 -10.74 10.52
N LEU A 296 2.60 -10.63 11.40
CA LEU A 296 2.84 -11.59 12.47
C LEU A 296 2.40 -11.02 13.82
N LEU A 297 1.64 -9.93 13.81
CA LEU A 297 1.19 -9.30 15.06
C LEU A 297 0.47 -10.34 15.93
N PRO A 298 0.79 -10.41 17.23
CA PRO A 298 0.05 -11.34 18.09
C PRO A 298 -1.41 -10.91 18.23
N ASP A 299 -2.24 -11.93 18.51
CA ASP A 299 -3.64 -11.67 18.81
C ASP A 299 -3.75 -10.60 19.88
N GLY A 300 -4.73 -9.74 19.73
CA GLY A 300 -5.02 -8.65 20.63
C GLY A 300 -4.23 -7.39 20.39
N GLY A 301 -3.27 -7.41 19.47
CA GLY A 301 -2.52 -6.21 19.14
C GLY A 301 -3.39 -5.16 18.48
N PRO A 302 -2.80 -3.98 18.31
CA PRO A 302 -3.55 -2.89 17.70
C PRO A 302 -4.12 -3.25 16.35
N SER A 303 -5.26 -2.66 16.05
CA SER A 303 -5.94 -2.87 14.78
C SER A 303 -6.62 -1.57 14.36
N GLY A 304 -6.67 -1.39 13.05
CA GLY A 304 -7.23 -0.19 12.49
C GLY A 304 -6.30 1.00 12.44
N CYS A 305 -5.00 0.80 12.65
CA CYS A 305 -4.01 1.86 12.84
C CYS A 305 -3.12 2.02 11.61
N PHE A 306 -2.46 3.17 11.53
CA PHE A 306 -1.33 3.40 10.62
C PHE A 306 -0.05 3.49 11.43
N PHE A 307 0.95 2.71 11.05
CA PHE A 307 2.25 2.71 11.71
C PHE A 307 3.34 3.10 10.74
N PRO A 308 4.08 4.17 11.00
CA PRO A 308 5.35 4.37 10.29
C PRO A 308 6.40 3.40 10.82
N ARG A 309 7.49 3.35 10.08
CA ARG A 309 8.46 2.26 10.24
C ARG A 309 8.87 2.02 11.69
N ASP A 310 9.34 3.06 12.37
CA ASP A 310 9.94 2.83 13.67
CA ASP A 310 9.93 2.87 13.69
C ASP A 310 8.88 2.43 14.70
N LYS A 311 7.68 2.98 14.59
CA LYS A 311 6.58 2.58 15.46
C LYS A 311 6.18 1.13 15.20
N ALA A 312 6.18 0.73 13.92
CA ALA A 312 5.82 -0.64 13.58
C ALA A 312 6.80 -1.61 14.20
N LEU A 313 8.09 -1.30 14.11
CA LEU A 313 9.10 -2.25 14.48
C LEU A 313 9.22 -2.35 15.98
N ALA A 314 8.69 -1.35 16.69
CA ALA A 314 8.73 -1.34 18.15
C ALA A 314 7.51 -1.99 18.79
N LEU A 315 6.55 -2.47 18.00
CA LEU A 315 5.24 -2.85 18.56
C LEU A 315 5.32 -4.04 19.47
N TYR A 316 6.25 -4.94 19.19
CA TYR A 316 6.52 -6.12 20.03
C TYR A 316 7.91 -6.65 19.68
PA NAP B . 8.05 -1.49 -6.99
O1A NAP B . 7.70 -0.59 -8.14
O2A NAP B . 9.29 -2.24 -6.95
O5B NAP B . 6.95 -2.63 -6.87
C5B NAP B . 5.56 -2.36 -7.09
C4B NAP B . 4.86 -3.66 -7.26
O4B NAP B . 3.43 -3.38 -7.45
C3B NAP B . 5.30 -4.45 -8.50
O3B NAP B . 5.24 -5.86 -8.29
C2B NAP B . 4.24 -4.01 -9.51
O2B NAP B . 4.06 -4.93 -10.60
C1B NAP B . 3.04 -4.10 -8.59
N9A NAP B . 1.80 -3.57 -9.13
C8A NAP B . 1.52 -2.33 -9.66
N7A NAP B . 0.30 -2.21 -10.13
C5A NAP B . -0.26 -3.45 -9.89
C6A NAP B . -1.53 -3.99 -10.18
N6A NAP B . -2.48 -3.34 -10.86
N1A NAP B . -1.76 -5.28 -9.81
C2A NAP B . -0.79 -5.97 -9.23
N3A NAP B . 0.45 -5.58 -8.96
C4A NAP B . 0.65 -4.30 -9.30
O3 NAP B . 7.89 -0.59 -5.69
PN NAP B . 7.76 -0.90 -4.12
O1N NAP B . 8.10 -2.30 -3.85
O2N NAP B . 8.49 0.19 -3.44
O5D NAP B . 6.18 -0.73 -3.97
C5D NAP B . 5.47 -1.60 -3.06
C4D NAP B . 4.59 -0.73 -2.17
O4D NAP B . 5.42 0.00 -1.24
C3D NAP B . 3.68 0.30 -2.86
O3D NAP B . 2.32 0.18 -2.44
C2D NAP B . 4.33 1.64 -2.47
O2D NAP B . 3.41 2.72 -2.38
C1D NAP B . 4.88 1.28 -1.09
N1N NAP B . 5.93 2.18 -0.55
C2N NAP B . 7.16 2.17 -1.07
C3N NAP B . 8.15 2.97 -0.53
C7N NAP B . 9.59 3.01 -1.00
O7N NAP B . 10.32 3.87 -0.59
N7N NAP B . 10.01 2.08 -1.87
C4N NAP B . 7.82 3.79 0.55
C5N NAP B . 6.53 3.79 1.05
C6N NAP B . 5.59 2.97 0.49
P2B NAP B . 4.77 -4.75 -12.05
O1X NAP B . 6.16 -5.29 -12.00
O2X NAP B . 4.76 -3.24 -12.33
O3X NAP B . 3.87 -5.49 -12.99
HOA2 NAP B . 10.19 -1.80 -6.94
H51A NAP B . 5.21 -1.79 -6.22
H52A NAP B . 5.42 -1.70 -7.94
H4B NAP B . 4.90 -4.26 -6.34
H3B NAP B . 6.30 -4.14 -8.81
HO3A NAP B . 6.18 -6.19 -8.23
H2B NAP B . 4.41 -3.01 -9.89
H1B NAP B . 2.84 -5.11 -8.25
H8A NAP B . 2.23 -1.50 -9.68
H61A NAP B . -3.39 -3.76 -11.04
H62A NAP B . -2.31 -2.40 -11.20
H2A NAP B . -1.06 -6.98 -8.95
H51N NAP B . 6.20 -2.14 -2.46
H52N NAP B . 4.86 -2.33 -3.59
H4D NAP B . 4.02 -1.40 -1.53
H3D NAP B . 3.58 0.15 -3.93
HO3N NAP B . 2.29 0.16 -1.45
H2D NAP B . 5.13 1.86 -3.17
HO2N NAP B . 2.97 2.66 -1.49
H1D NAP B . 4.12 1.20 -0.31
H2N NAP B . 7.35 1.51 -1.92
H71N NAP B . 9.41 1.35 -2.22
H72N NAP B . 10.97 2.08 -2.21
H4N NAP B . 8.58 4.44 1.00
H5N NAP B . 6.25 4.44 1.88
H6N NAP B . 4.57 2.95 0.87
HOP2 NAP B . 4.13 -2.58 -11.94
HOP3 NAP B . 3.02 -5.88 -12.66
C1 MPD C . 5.75 7.76 -3.41
C2 MPD C . 6.26 6.45 -2.86
O2 MPD C . 5.29 5.84 -2.02
CM MPD C . 6.44 5.45 -3.98
C3 MPD C . 7.62 6.65 -2.16
C4 MPD C . 7.74 7.38 -0.85
O4 MPD C . 6.80 7.02 0.11
C5 MPD C . 9.14 7.19 -0.25
H11 MPD C . 6.46 8.56 -3.19
H12 MPD C . 4.78 7.98 -2.96
H13 MPD C . 5.63 7.66 -4.50
HO2 MPD C . 5.68 5.66 -1.13
HM1 MPD C . 7.49 5.12 -4.00
HM2 MPD C . 6.18 5.91 -4.93
HM3 MPD C . 5.80 4.59 -3.81
H31 MPD C . 8.26 7.17 -2.87
H32 MPD C . 8.04 5.66 -2.02
H4 MPD C . 7.62 8.45 -1.07
HO4 MPD C . 6.58 7.79 0.67
H51 MPD C . 9.05 6.82 0.77
H52 MPD C . 9.67 8.15 -0.25
H53 MPD C . 9.70 6.48 -0.86
C1 MPD D . -4.30 6.95 10.16
C2 MPD D . -5.73 7.27 10.62
O2 MPD D . -6.12 6.10 11.36
CM MPD D . -5.74 8.48 11.57
C3 MPD D . -6.61 7.39 9.35
C4 MPD D . -7.99 8.02 9.51
O4 MPD D . -8.53 8.17 8.21
C5 MPD D . -8.94 7.19 10.36
H11 MPD D . -4.26 6.88 9.07
H12 MPD D . -4.00 5.98 10.59
H13 MPD D . -3.62 7.73 10.50
HO2 MPD D . -6.85 5.66 10.90
HM1 MPD D . -6.41 9.24 11.18
HM2 MPD D . -4.74 8.88 11.67
HM3 MPD D . -6.09 8.15 12.55
H31 MPD D . -6.74 6.40 8.93
H32 MPD D . -6.06 7.98 8.61
H4 MPD D . -7.88 9.00 9.98
HO4 MPD D . -8.64 7.28 7.79
H51 MPD D . -9.81 6.90 9.77
H52 MPD D . -9.27 7.77 11.22
H53 MPD D . -8.43 6.28 10.72
#